data_4KRS
#
_entry.id   4KRS
#
_cell.length_a   124.594
_cell.length_b   44.233
_cell.length_c   87.845
_cell.angle_alpha   90.00
_cell.angle_beta   90.14
_cell.angle_gamma   90.00
#
_symmetry.space_group_name_H-M   'C 1 2 1'
#
loop_
_entity.id
_entity.type
_entity.pdbx_description
1 polymer Tankyrase-1
2 non-polymer 'ZINC ION'
3 non-polymer 'SULFATE ION'
4 non-polymer 4-tert-butyl-N-(5,6-dihydro[1,3]thiazolo[2,3-c][1,2,4]triazol-3-yl)benzamide
5 water water
#
_entity_poly.entity_id   1
_entity_poly.type   'polypeptide(L)'
_entity_poly.pdbx_seq_one_letter_code
;GTILLDLAPEDKEYQSVEEEMQSTIREHRDGGNAGGIFNRYNVIRIQKVVNKKLRERFCHRQKEVSEENHNHHNERMLFH
GSPFINAIIHKGFDERHAYIGGMFGAGIYFAENSSKSNQYVYGIGGGTGCPTHKDRSCYICHRQMLFCRVTLGKSFLQFS
TIKMAHAPPGHHSVIGRPSVNGLAYAEYVIYRGEQAYPEYLITYQIMKPEAPSQTATAAEQKT
;
_entity_poly.pdbx_strand_id   A,B
#
loop_
_chem_comp.id
_chem_comp.type
_chem_comp.name
_chem_comp.formula
1SX non-polymer 4-tert-butyl-N-(5,6-dihydro[1,3]thiazolo[2,3-c][1,2,4]triazol-3-yl)benzamide 'C15 H18 N4 O S'
SO4 non-polymer 'SULFATE ION' 'O4 S -2'
ZN non-polymer 'ZINC ION' 'Zn 2'
#
# COMPACT_ATOMS: atom_id res chain seq x y z
N GLY A 1 24.77 -5.77 -3.92
CA GLY A 1 23.37 -5.69 -4.30
C GLY A 1 22.85 -6.97 -4.92
N THR A 2 22.24 -6.85 -6.08
CA THR A 2 21.61 -8.00 -6.72
C THR A 2 22.63 -8.86 -7.43
N ILE A 3 22.51 -10.17 -7.22
CA ILE A 3 23.34 -11.14 -7.93
C ILE A 3 22.47 -11.97 -8.84
N LEU A 4 22.91 -12.18 -10.06
CA LEU A 4 22.19 -13.04 -10.99
C LEU A 4 22.86 -14.40 -11.14
N LEU A 5 22.09 -15.45 -10.95
CA LEU A 5 22.59 -16.81 -11.15
C LEU A 5 22.11 -17.34 -12.49
N ASP A 6 23.03 -17.76 -13.33
CA ASP A 6 22.67 -18.30 -14.63
C ASP A 6 22.35 -19.78 -14.52
N LEU A 7 21.14 -20.16 -14.90
CA LEU A 7 20.73 -21.56 -14.89
C LEU A 7 21.17 -22.25 -16.17
N ALA A 8 21.49 -23.54 -16.08
CA ALA A 8 21.90 -24.29 -17.26
C ALA A 8 20.71 -25.01 -17.86
N PRO A 9 20.69 -25.16 -19.19
CA PRO A 9 19.59 -25.79 -19.93
C PRO A 9 19.36 -27.23 -19.50
N GLU A 10 20.34 -27.81 -18.82
CA GLU A 10 20.24 -29.18 -18.35
C GLU A 10 19.49 -29.26 -17.02
N ASP A 11 19.63 -28.22 -16.21
CA ASP A 11 18.92 -28.12 -14.96
C ASP A 11 17.45 -28.40 -15.18
N LYS A 12 16.86 -29.24 -14.33
CA LYS A 12 15.43 -29.49 -14.36
C LYS A 12 14.65 -28.19 -14.15
N GLU A 13 15.17 -27.35 -13.27
CA GLU A 13 14.57 -26.06 -12.96
C GLU A 13 14.45 -25.21 -14.23
N TYR A 14 15.51 -25.19 -15.04
CA TYR A 14 15.46 -24.49 -16.32
C TYR A 14 14.34 -25.06 -17.17
N GLN A 15 14.28 -26.39 -17.22
CA GLN A 15 13.33 -27.07 -18.09
C GLN A 15 11.88 -26.95 -17.61
N SER A 16 11.67 -26.69 -16.33
CA SER A 16 10.31 -26.46 -15.85
C SER A 16 9.84 -25.06 -16.21
N VAL A 17 10.71 -24.07 -16.01
CA VAL A 17 10.34 -22.68 -16.27
C VAL A 17 10.01 -22.46 -17.75
N GLU A 18 10.85 -22.97 -18.63
CA GLU A 18 10.66 -22.91 -20.08
C GLU A 18 9.40 -23.67 -20.46
N GLU A 19 9.15 -24.79 -19.79
CA GLU A 19 7.91 -25.54 -20.02
C GLU A 19 6.66 -24.71 -19.68
N GLU A 20 6.72 -23.99 -18.56
CA GLU A 20 5.59 -23.13 -18.18
C GLU A 20 5.42 -22.02 -19.20
N MET A 21 6.54 -21.53 -19.69
CA MET A 21 6.51 -20.39 -20.59
C MET A 21 5.98 -20.79 -21.98
N GLN A 22 6.57 -21.84 -22.57
CA GLN A 22 6.14 -22.32 -23.89
C GLN A 22 4.70 -22.79 -23.89
N SER A 23 4.30 -23.56 -22.88
CA SER A 23 2.97 -24.17 -22.87
C SER A 23 1.81 -23.25 -22.46
N THR A 24 2.08 -21.99 -22.16
CA THR A 24 0.98 -21.07 -21.81
C THR A 24 0.85 -19.93 -22.80
N ILE A 25 1.26 -20.16 -24.04
CA ILE A 25 1.04 -19.19 -25.08
C ILE A 25 -0.41 -19.31 -25.54
N ARG A 26 -1.12 -18.19 -25.60
CA ARG A 26 -2.51 -18.20 -26.05
C ARG A 26 -2.69 -17.12 -27.08
N GLU A 27 -3.81 -17.21 -27.81
CA GLU A 27 -4.24 -16.18 -28.75
C GLU A 27 -4.91 -15.12 -27.92
N HIS A 28 -4.51 -13.87 -28.12
CA HIS A 28 -5.13 -12.79 -27.36
C HIS A 28 -6.11 -11.99 -28.21
N ARG A 29 -6.99 -11.25 -27.54
CA ARG A 29 -8.16 -10.68 -28.20
C ARG A 29 -7.77 -9.57 -29.18
N ASP A 30 -6.60 -8.99 -28.99
CA ASP A 30 -6.11 -7.92 -29.85
C ASP A 30 -5.30 -8.48 -31.03
N GLY A 31 -5.51 -9.75 -31.33
CA GLY A 31 -4.89 -10.38 -32.51
C GLY A 31 -3.39 -10.40 -32.54
N GLY A 32 -2.72 -10.10 -31.42
CA GLY A 32 -1.27 -10.01 -31.37
C GLY A 32 -0.73 -8.59 -31.56
N ASN A 33 -1.61 -7.61 -31.64
CA ASN A 33 -1.15 -6.22 -31.74
C ASN A 33 -0.04 -5.84 -30.75
N ALA A 34 -0.33 -6.00 -29.46
CA ALA A 34 0.62 -5.52 -28.43
C ALA A 34 1.89 -6.34 -28.37
N GLY A 35 1.75 -7.65 -28.47
CA GLY A 35 2.82 -8.54 -28.09
C GLY A 35 3.47 -9.33 -29.23
N GLY A 36 2.85 -9.29 -30.40
CA GLY A 36 3.43 -9.91 -31.58
C GLY A 36 2.82 -11.25 -31.89
N ILE A 37 3.28 -11.86 -32.97
CA ILE A 37 2.68 -13.11 -33.45
C ILE A 37 3.69 -14.23 -33.33
N PHE A 38 3.29 -15.30 -32.65
CA PHE A 38 4.18 -16.42 -32.42
C PHE A 38 3.43 -17.61 -31.79
N ASN A 39 4.02 -18.79 -31.94
CA ASN A 39 3.49 -20.00 -31.30
C ASN A 39 4.51 -20.54 -30.29
N ARG A 40 5.70 -19.93 -30.29
CA ARG A 40 6.84 -20.40 -29.50
C ARG A 40 7.75 -19.23 -29.12
N TYR A 41 8.41 -19.35 -27.99
CA TYR A 41 9.53 -18.47 -27.68
C TYR A 41 10.83 -19.21 -27.98
N ASN A 42 11.86 -18.46 -28.35
CA ASN A 42 13.20 -18.94 -28.26
C ASN A 42 13.83 -18.42 -26.95
N VAL A 43 14.00 -19.31 -25.97
CA VAL A 43 14.59 -18.91 -24.67
C VAL A 43 16.11 -18.80 -24.69
N ILE A 44 16.62 -17.60 -24.42
CA ILE A 44 18.05 -17.33 -24.60
C ILE A 44 18.83 -17.59 -23.32
N ARG A 45 18.21 -17.24 -22.20
CA ARG A 45 18.90 -17.17 -20.92
C ARG A 45 17.82 -17.26 -19.84
N ILE A 46 18.06 -18.04 -18.80
CA ILE A 46 17.23 -17.96 -17.62
C ILE A 46 18.13 -17.71 -16.41
N GLN A 47 17.84 -16.65 -15.67
CA GLN A 47 18.66 -16.24 -14.54
C GLN A 47 17.80 -16.14 -13.29
N LYS A 48 18.37 -16.55 -12.17
CA LYS A 48 17.69 -16.50 -10.89
C LYS A 48 18.14 -15.21 -10.18
N VAL A 49 17.20 -14.43 -9.70
CA VAL A 49 17.58 -13.20 -9.00
C VAL A 49 17.82 -13.48 -7.51
N VAL A 50 19.01 -13.12 -7.04
CA VAL A 50 19.33 -13.22 -5.62
C VAL A 50 19.66 -11.83 -5.09
N ASN A 51 18.78 -11.32 -4.23
CA ASN A 51 19.02 -10.04 -3.58
C ASN A 51 18.54 -10.11 -2.15
N LYS A 52 19.46 -9.81 -1.24
CA LYS A 52 19.30 -10.01 0.20
C LYS A 52 18.25 -9.06 0.78
N LYS A 53 18.39 -7.76 0.50
CA LYS A 53 17.38 -6.80 0.92
C LYS A 53 15.99 -7.22 0.45
N LEU A 54 15.91 -7.74 -0.78
CA LEU A 54 14.60 -8.07 -1.34
C LEU A 54 14.05 -9.39 -0.82
N ARG A 55 14.92 -10.38 -0.64
CA ARG A 55 14.46 -11.63 -0.08
C ARG A 55 13.92 -11.41 1.35
N GLU A 56 14.59 -10.54 2.09
CA GLU A 56 14.23 -10.21 3.47
C GLU A 56 12.85 -9.57 3.51
N ARG A 57 12.65 -8.57 2.66
CA ARG A 57 11.36 -7.90 2.57
C ARG A 57 10.27 -8.86 2.10
N PHE A 58 10.59 -9.75 1.16
CA PHE A 58 9.61 -10.71 0.70
C PHE A 58 9.18 -11.65 1.83
N CYS A 59 10.15 -12.30 2.47
CA CYS A 59 9.88 -13.15 3.62
C CYS A 59 9.05 -12.44 4.70
N HIS A 60 9.47 -11.26 5.11
CA HIS A 60 8.72 -10.51 6.11
C HIS A 60 7.24 -10.48 5.72
N ARG A 61 6.96 -9.90 4.55
CA ARG A 61 5.59 -9.84 4.05
C ARG A 61 4.91 -11.20 4.06
N GLN A 62 5.62 -12.19 3.54
CA GLN A 62 5.09 -13.54 3.44
C GLN A 62 4.55 -14.09 4.79
N LYS A 63 5.22 -13.73 5.88
CA LYS A 63 4.82 -14.17 7.22
C LYS A 63 3.54 -13.48 7.66
N GLU A 64 3.46 -12.17 7.47
CA GLU A 64 2.25 -11.42 7.79
C GLU A 64 1.05 -12.00 7.04
N VAL A 65 1.26 -12.37 5.79
CA VAL A 65 0.16 -12.89 4.99
C VAL A 65 -0.23 -14.28 5.47
N SER A 66 0.76 -15.08 5.83
CA SER A 66 0.47 -16.42 6.32
C SER A 66 -0.48 -16.35 7.51
N GLU A 67 -0.25 -15.40 8.40
CA GLU A 67 -1.03 -15.32 9.63
C GLU A 67 -2.51 -15.05 9.33
N GLU A 68 -2.76 -14.26 8.30
CA GLU A 68 -4.10 -13.89 7.97
C GLU A 68 -4.73 -14.82 6.94
N ASN A 69 -4.01 -15.87 6.56
CA ASN A 69 -4.52 -16.80 5.57
C ASN A 69 -4.40 -18.26 6.03
N HIS A 70 -4.69 -18.47 7.32
CA HIS A 70 -4.67 -19.81 7.91
C HIS A 70 -3.33 -20.46 7.69
N ASN A 71 -2.26 -19.67 7.89
CA ASN A 71 -0.89 -20.16 7.77
C ASN A 71 -0.55 -20.68 6.38
N HIS A 72 -1.33 -20.26 5.38
CA HIS A 72 -1.00 -20.59 4.00
C HIS A 72 -0.50 -19.36 3.25
N HIS A 73 0.58 -19.50 2.49
CA HIS A 73 1.04 -18.39 1.66
C HIS A 73 0.11 -18.19 0.48
N ASN A 74 -0.40 -19.30 -0.05
CA ASN A 74 -1.04 -19.33 -1.34
C ASN A 74 -0.11 -18.69 -2.37
N GLU A 75 1.11 -19.19 -2.44
CA GLU A 75 2.10 -18.67 -3.37
C GLU A 75 1.96 -19.28 -4.76
N ARG A 76 2.02 -18.45 -5.79
CA ARG A 76 1.95 -18.94 -7.16
C ARG A 76 3.07 -18.39 -8.01
N MET A 77 3.45 -19.15 -9.03
CA MET A 77 4.43 -18.65 -9.98
C MET A 77 3.70 -17.99 -11.14
N LEU A 78 3.95 -16.70 -11.33
CA LEU A 78 3.22 -15.92 -12.34
C LEU A 78 4.19 -15.03 -13.09
N PHE A 79 3.77 -14.59 -14.27
CA PHE A 79 4.62 -13.78 -15.14
C PHE A 79 4.36 -12.30 -14.94
N HIS A 80 5.35 -11.49 -15.32
CA HIS A 80 5.22 -10.05 -15.31
C HIS A 80 6.16 -9.48 -16.34
N GLY A 81 5.68 -8.50 -17.11
CA GLY A 81 6.48 -7.82 -18.11
C GLY A 81 6.45 -6.31 -17.90
N SER A 82 7.56 -5.66 -18.20
CA SER A 82 7.68 -4.23 -18.01
C SER A 82 8.99 -3.74 -18.63
N PRO A 83 9.00 -2.51 -19.13
CA PRO A 83 10.22 -1.96 -19.72
C PRO A 83 11.23 -1.57 -18.64
N PHE A 84 10.87 -1.75 -17.37
CA PHE A 84 11.76 -1.34 -16.28
C PHE A 84 12.10 -2.52 -15.40
N ILE A 85 12.27 -3.69 -16.02
CA ILE A 85 12.60 -4.91 -15.30
C ILE A 85 13.88 -4.67 -14.55
N ASN A 86 14.74 -3.82 -15.12
CA ASN A 86 16.05 -3.60 -14.52
C ASN A 86 15.95 -2.88 -13.18
N ALA A 87 15.04 -1.94 -13.06
CA ALA A 87 14.82 -1.30 -11.78
C ALA A 87 14.18 -2.31 -10.85
N ILE A 88 13.36 -3.20 -11.38
CA ILE A 88 12.67 -4.18 -10.55
C ILE A 88 13.65 -5.14 -9.86
N ILE A 89 14.62 -5.67 -10.61
CA ILE A 89 15.51 -6.68 -10.06
C ILE A 89 16.55 -6.09 -9.11
N HIS A 90 16.65 -4.77 -9.07
CA HIS A 90 17.59 -4.11 -8.16
C HIS A 90 16.87 -3.50 -6.96
N LYS A 91 15.63 -3.08 -7.14
CA LYS A 91 14.89 -2.36 -6.10
C LYS A 91 13.54 -2.97 -5.76
N GLY A 92 13.23 -4.10 -6.37
CA GLY A 92 11.97 -4.77 -6.14
C GLY A 92 10.81 -4.09 -6.85
N PHE A 93 9.63 -4.69 -6.71
CA PHE A 93 8.42 -4.11 -7.23
C PHE A 93 8.07 -2.87 -6.40
N ASP A 94 7.45 -1.89 -7.04
CA ASP A 94 7.09 -0.66 -6.34
C ASP A 94 5.67 -0.26 -6.71
N GLU A 95 4.74 -0.47 -5.78
CA GLU A 95 3.34 -0.16 -6.03
C GLU A 95 3.09 1.33 -6.30
N ARG A 96 4.05 2.18 -5.94
CA ARG A 96 3.98 3.59 -6.34
C ARG A 96 4.10 3.76 -7.86
N HIS A 97 4.56 2.72 -8.55
CA HIS A 97 4.57 2.70 -10.02
C HIS A 97 3.55 1.69 -10.48
N ALA A 98 2.35 1.77 -9.93
CA ALA A 98 1.31 0.78 -10.24
C ALA A 98 0.75 1.06 -11.62
N TYR A 99 0.07 0.05 -12.17
CA TYR A 99 -0.55 0.16 -13.47
C TYR A 99 -1.83 0.97 -13.34
N ILE A 100 -1.71 2.27 -13.59
CA ILE A 100 -2.82 3.19 -13.38
C ILE A 100 -4.04 2.85 -14.24
N GLY A 101 -3.79 2.28 -15.42
CA GLY A 101 -4.86 1.92 -16.32
C GLY A 101 -5.38 0.50 -16.19
N GLY A 102 -4.93 -0.21 -15.16
CA GLY A 102 -5.33 -1.59 -14.97
C GLY A 102 -6.82 -1.73 -14.76
N MET A 103 -7.42 -2.76 -15.35
CA MET A 103 -8.86 -3.01 -15.25
C MET A 103 -9.37 -3.12 -13.80
N PHE A 104 -8.54 -3.66 -12.91
CA PHE A 104 -8.98 -3.92 -11.54
C PHE A 104 -8.34 -3.00 -10.53
N GLY A 105 -7.93 -1.81 -10.99
CA GLY A 105 -7.35 -0.82 -10.13
C GLY A 105 -5.84 -0.66 -10.23
N ALA A 106 -5.32 0.21 -9.37
CA ALA A 106 -3.91 0.55 -9.35
C ALA A 106 -3.08 -0.39 -8.49
N GLY A 107 -2.79 -1.57 -9.03
CA GLY A 107 -1.91 -2.50 -8.37
C GLY A 107 -0.81 -2.94 -9.32
N ILE A 108 -0.13 -4.01 -8.94
CA ILE A 108 0.89 -4.60 -9.79
C ILE A 108 0.31 -5.91 -10.35
N TYR A 109 0.42 -6.08 -11.65
CA TYR A 109 -0.32 -7.14 -12.34
C TYR A 109 0.55 -8.30 -12.77
N PHE A 110 -0.01 -9.51 -12.67
CA PHE A 110 0.69 -10.70 -13.10
C PHE A 110 -0.21 -11.63 -13.90
N ALA A 111 0.37 -12.48 -14.74
CA ALA A 111 -0.40 -13.42 -15.55
C ALA A 111 0.02 -14.88 -15.39
N GLU A 112 -0.95 -15.80 -15.47
CA GLU A 112 -0.63 -17.22 -15.69
C GLU A 112 0.02 -17.42 -17.06
N ASN A 113 -0.38 -16.64 -18.05
CA ASN A 113 0.08 -16.89 -19.40
C ASN A 113 1.19 -15.95 -19.78
N SER A 114 2.35 -16.52 -20.02
CA SER A 114 3.51 -15.79 -20.52
C SER A 114 3.13 -14.84 -21.66
N SER A 115 2.25 -15.26 -22.54
CA SER A 115 1.91 -14.41 -23.69
C SER A 115 1.15 -13.14 -23.23
N LYS A 116 0.47 -13.20 -22.10
CA LYS A 116 -0.11 -11.98 -21.56
C LYS A 116 0.94 -10.93 -21.21
N SER A 117 1.93 -11.35 -20.39
CA SER A 117 2.97 -10.45 -19.88
C SER A 117 3.83 -9.88 -20.98
N ASN A 118 4.16 -10.73 -21.94
CA ASN A 118 4.93 -10.34 -23.10
C ASN A 118 4.33 -9.11 -23.76
N GLN A 119 3.01 -8.96 -23.68
CA GLN A 119 2.31 -7.78 -24.19
C GLN A 119 2.75 -6.47 -23.53
N TYR A 120 3.49 -6.55 -22.43
CA TYR A 120 3.81 -5.32 -21.67
C TYR A 120 5.31 -5.08 -21.60
N VAL A 121 6.06 -5.91 -22.30
CA VAL A 121 7.50 -5.81 -22.24
C VAL A 121 8.03 -4.46 -22.75
N TYR A 122 7.39 -3.89 -23.77
CA TYR A 122 7.83 -2.60 -24.34
C TYR A 122 6.95 -1.45 -23.89
N GLY A 123 6.04 -1.74 -22.98
CA GLY A 123 5.17 -0.72 -22.43
C GLY A 123 3.73 -1.17 -22.55
N ILE A 124 2.83 -0.27 -22.22
CA ILE A 124 1.41 -0.51 -22.28
C ILE A 124 0.89 -0.58 -23.71
N GLY A 125 0.08 -1.59 -24.00
CA GLY A 125 -0.37 -1.82 -25.37
C GLY A 125 0.82 -2.17 -26.25
N GLY A 126 1.96 -2.47 -25.62
CA GLY A 126 3.18 -2.80 -26.34
C GLY A 126 4.00 -1.59 -26.71
N GLY A 127 3.54 -0.41 -26.32
CA GLY A 127 4.23 0.85 -26.58
C GLY A 127 4.42 1.15 -28.05
N THR A 128 5.64 1.55 -28.39
CA THR A 128 6.06 1.67 -29.79
C THR A 128 7.04 0.55 -30.09
N GLY A 129 6.94 -0.54 -29.32
CA GLY A 129 7.77 -1.70 -29.54
C GLY A 129 9.23 -1.46 -29.19
N CYS A 130 10.10 -2.32 -29.71
CA CYS A 130 11.53 -2.24 -29.47
C CYS A 130 12.09 -0.87 -29.83
N PRO A 131 13.14 -0.43 -29.14
CA PRO A 131 13.78 0.85 -29.42
C PRO A 131 14.37 0.95 -30.82
N THR A 132 14.97 -0.12 -31.32
CA THR A 132 15.67 -0.09 -32.60
C THR A 132 14.75 0.01 -33.82
N HIS A 133 13.71 -0.83 -33.85
CA HIS A 133 12.89 -1.01 -35.05
C HIS A 133 11.45 -0.56 -34.85
N LYS A 134 11.13 -0.11 -33.64
CA LYS A 134 9.77 0.33 -33.35
C LYS A 134 8.73 -0.67 -33.84
N ASP A 135 8.98 -1.94 -33.55
CA ASP A 135 8.19 -3.05 -34.06
C ASP A 135 7.77 -3.90 -32.86
N ARG A 136 6.49 -3.83 -32.52
CA ARG A 136 5.94 -4.58 -31.40
C ARG A 136 6.05 -6.10 -31.61
N SER A 137 6.14 -6.54 -32.86
CA SER A 137 6.27 -7.98 -33.12
C SER A 137 7.66 -8.36 -33.58
N CYS A 138 8.65 -7.56 -33.19
CA CYS A 138 10.05 -7.82 -33.54
C CYS A 138 10.52 -9.23 -33.17
N TYR A 139 11.32 -9.83 -34.04
CA TYR A 139 11.77 -11.19 -33.87
C TYR A 139 13.25 -11.22 -33.57
N ILE A 140 13.89 -10.05 -33.67
CA ILE A 140 15.31 -9.91 -33.47
C ILE A 140 15.70 -9.46 -32.05
N CYS A 141 15.12 -8.35 -31.60
CA CYS A 141 15.49 -7.76 -30.33
C CYS A 141 15.18 -8.68 -29.12
N HIS A 142 16.09 -8.73 -28.16
CA HIS A 142 15.93 -9.59 -27.00
C HIS A 142 14.95 -8.96 -26.03
N ARG A 143 13.99 -9.76 -25.59
CA ARG A 143 13.03 -9.31 -24.61
C ARG A 143 13.34 -9.95 -23.27
N GLN A 144 12.92 -9.31 -22.19
CA GLN A 144 13.03 -9.92 -20.87
C GLN A 144 11.69 -9.88 -20.13
N MET A 145 11.42 -10.94 -19.37
CA MET A 145 10.24 -10.98 -18.54
C MET A 145 10.54 -11.76 -17.25
N LEU A 146 9.65 -11.60 -16.27
CA LEU A 146 9.91 -12.13 -14.96
C LEU A 146 8.94 -13.26 -14.68
N PHE A 147 9.45 -14.36 -14.16
CA PHE A 147 8.59 -15.41 -13.66
C PHE A 147 8.73 -15.28 -12.13
N CYS A 148 7.66 -14.86 -11.48
CA CYS A 148 7.78 -14.44 -10.09
C CYS A 148 7.02 -15.33 -9.11
N ARG A 149 7.61 -15.50 -7.92
CA ARG A 149 6.90 -15.99 -6.75
C ARG A 149 5.95 -14.89 -6.29
N VAL A 150 4.67 -15.18 -6.25
CA VAL A 150 3.69 -14.19 -5.84
C VAL A 150 2.83 -14.66 -4.68
N THR A 151 2.92 -13.93 -3.56
CA THR A 151 2.11 -14.22 -2.39
C THR A 151 0.68 -13.70 -2.58
N LEU A 152 -0.23 -14.60 -2.88
CA LEU A 152 -1.60 -14.21 -3.15
C LEU A 152 -2.37 -14.06 -1.86
N GLY A 153 -1.87 -14.70 -0.80
CA GLY A 153 -2.60 -14.81 0.45
C GLY A 153 -4.01 -15.25 0.15
N LYS A 154 -4.98 -14.57 0.77
CA LYS A 154 -6.39 -14.81 0.48
C LYS A 154 -6.87 -13.93 -0.67
N SER A 155 -7.25 -14.58 -1.78
CA SER A 155 -7.62 -13.88 -2.99
C SER A 155 -9.09 -13.46 -3.04
N PHE A 156 -9.34 -12.30 -3.61
CA PHE A 156 -10.69 -11.84 -3.83
C PHE A 156 -10.99 -11.97 -5.32
N LEU A 157 -12.05 -12.71 -5.65
CA LEU A 157 -12.48 -12.87 -7.05
C LEU A 157 -13.42 -11.74 -7.49
N GLN A 158 -12.93 -10.92 -8.42
CA GLN A 158 -13.67 -9.80 -8.98
C GLN A 158 -14.03 -10.15 -10.41
N PHE A 159 -15.32 -10.08 -10.73
CA PHE A 159 -15.79 -10.41 -12.07
C PHE A 159 -16.18 -9.18 -12.87
N SER A 160 -15.93 -8.01 -12.30
CA SER A 160 -16.20 -6.74 -12.98
C SER A 160 -15.02 -5.78 -12.86
N THR A 161 -14.85 -4.91 -13.85
CA THR A 161 -13.83 -3.88 -13.74
C THR A 161 -14.24 -2.91 -12.64
N ILE A 162 -13.27 -2.48 -11.84
CA ILE A 162 -13.53 -1.66 -10.67
C ILE A 162 -12.23 -1.15 -10.10
N LYS A 163 -12.08 0.16 -10.04
CA LYS A 163 -10.90 0.76 -9.47
C LYS A 163 -10.75 0.37 -8.01
N MET A 164 -9.73 -0.41 -7.70
CA MET A 164 -9.41 -0.70 -6.31
C MET A 164 -8.03 -0.15 -5.99
N ALA A 165 -7.90 0.47 -4.82
CA ALA A 165 -6.63 1.01 -4.38
C ALA A 165 -5.87 -0.05 -3.58
N HIS A 166 -6.62 -0.99 -3.02
CA HIS A 166 -6.06 -2.03 -2.16
C HIS A 166 -6.95 -3.26 -2.25
N ALA A 167 -6.45 -4.39 -1.75
CA ALA A 167 -7.29 -5.58 -1.63
C ALA A 167 -8.43 -5.26 -0.67
N PRO A 168 -9.58 -5.92 -0.88
CA PRO A 168 -10.69 -5.87 0.07
C PRO A 168 -10.25 -6.31 1.46
N PRO A 169 -10.90 -5.79 2.51
CA PRO A 169 -10.62 -6.20 3.90
C PRO A 169 -10.48 -7.71 3.98
N GLY A 170 -9.57 -8.19 4.81
CA GLY A 170 -9.35 -9.61 4.97
C GLY A 170 -8.70 -10.32 3.78
N HIS A 171 -8.39 -9.58 2.73
CA HIS A 171 -7.80 -10.18 1.53
C HIS A 171 -6.43 -9.57 1.20
N HIS A 172 -5.62 -10.30 0.46
CA HIS A 172 -4.26 -9.83 0.16
C HIS A 172 -4.00 -9.62 -1.33
N SER A 173 -5.00 -9.93 -2.15
CA SER A 173 -4.86 -9.81 -3.59
C SER A 173 -6.22 -9.93 -4.30
N VAL A 174 -6.24 -9.52 -5.56
CA VAL A 174 -7.42 -9.61 -6.40
C VAL A 174 -7.15 -10.49 -7.64
N ILE A 175 -8.02 -11.46 -7.84
CA ILE A 175 -8.03 -12.22 -9.09
C ILE A 175 -9.20 -11.71 -9.92
N GLY A 176 -8.89 -11.13 -11.07
CA GLY A 176 -9.89 -10.54 -11.94
C GLY A 176 -10.15 -11.29 -13.23
N ARG A 177 -11.43 -11.48 -13.56
CA ARG A 177 -11.80 -12.04 -14.86
C ARG A 177 -12.67 -11.07 -15.64
N ALA A 184 -11.59 -12.44 -20.48
CA ALA A 184 -11.07 -13.77 -20.77
C ALA A 184 -10.40 -14.38 -19.54
N TYR A 185 -9.09 -14.55 -19.62
CA TYR A 185 -8.33 -15.23 -18.57
C TYR A 185 -8.10 -14.34 -17.34
N ALA A 186 -7.85 -14.98 -16.20
CA ALA A 186 -7.62 -14.27 -14.94
C ALA A 186 -6.37 -13.39 -14.96
N GLU A 187 -6.46 -12.25 -14.27
CA GLU A 187 -5.31 -11.42 -13.98
C GLU A 187 -5.15 -11.34 -12.46
N TYR A 188 -3.93 -11.55 -11.99
CA TYR A 188 -3.65 -11.53 -10.55
C TYR A 188 -3.01 -10.21 -10.15
N VAL A 189 -3.64 -9.50 -9.23
CA VAL A 189 -3.18 -8.17 -8.81
C VAL A 189 -2.80 -8.13 -7.33
N ILE A 190 -1.61 -7.62 -7.04
CA ILE A 190 -1.19 -7.30 -5.66
C ILE A 190 -1.05 -5.78 -5.50
N TYR A 191 -1.19 -5.29 -4.27
CA TYR A 191 -1.18 -3.83 -4.03
C TYR A 191 0.04 -3.44 -3.20
N ARG A 192 0.81 -4.44 -2.81
CA ARG A 192 2.06 -4.23 -2.10
C ARG A 192 3.22 -4.89 -2.84
N GLY A 193 4.26 -4.11 -3.10
CA GLY A 193 5.40 -4.61 -3.86
C GLY A 193 6.06 -5.84 -3.26
N GLU A 194 6.01 -5.99 -1.95
CA GLU A 194 6.73 -7.08 -1.27
C GLU A 194 5.98 -8.40 -1.30
N GLN A 195 4.80 -8.41 -1.93
CA GLN A 195 4.10 -9.67 -2.15
C GLN A 195 4.53 -10.32 -3.45
N ALA A 196 5.61 -9.82 -4.05
CA ALA A 196 6.22 -10.51 -5.18
C ALA A 196 7.74 -10.47 -5.15
N TYR A 197 8.34 -11.60 -5.43
CA TYR A 197 9.76 -11.65 -5.60
C TYR A 197 10.05 -12.03 -7.07
N PRO A 198 10.97 -11.29 -7.72
CA PRO A 198 11.31 -11.55 -9.12
C PRO A 198 12.24 -12.75 -9.20
N GLU A 199 11.69 -13.95 -9.12
CA GLU A 199 12.52 -15.14 -8.95
C GLU A 199 13.37 -15.46 -10.20
N TYR A 200 12.74 -15.47 -11.37
CA TYR A 200 13.47 -15.80 -12.59
C TYR A 200 13.43 -14.68 -13.62
N LEU A 201 14.61 -14.25 -14.06
CA LEU A 201 14.75 -13.31 -15.15
C LEU A 201 14.94 -14.09 -16.45
N ILE A 202 13.95 -14.01 -17.33
CA ILE A 202 14.02 -14.71 -18.61
C ILE A 202 14.37 -13.76 -19.76
N THR A 203 15.46 -14.06 -20.46
CA THR A 203 15.79 -13.37 -21.68
C THR A 203 15.37 -14.26 -22.86
N TYR A 204 14.74 -13.69 -23.88
CA TYR A 204 14.12 -14.50 -24.92
C TYR A 204 13.79 -13.70 -26.15
N GLN A 205 13.43 -14.42 -27.21
CA GLN A 205 12.79 -13.83 -28.37
C GLN A 205 11.45 -14.51 -28.65
N ILE A 206 10.53 -13.80 -29.27
CA ILE A 206 9.40 -14.48 -29.88
C ILE A 206 9.89 -15.06 -31.23
N MET A 207 9.33 -16.20 -31.63
CA MET A 207 9.75 -16.83 -32.89
C MET A 207 8.67 -16.72 -33.96
N LYS A 208 9.08 -16.32 -35.15
CA LYS A 208 8.19 -16.29 -36.29
C LYS A 208 7.63 -17.69 -36.58
N PRO A 209 6.31 -17.82 -36.64
CA PRO A 209 5.68 -19.09 -37.05
C PRO A 209 6.12 -19.50 -38.48
N GLU A 210 6.19 -20.80 -38.73
CA GLU A 210 6.62 -21.29 -40.04
C GLU A 210 5.43 -21.53 -40.96
N GLY B 1 -0.14 -9.99 21.90
CA GLY B 1 -1.34 -9.24 22.25
C GLY B 1 -1.05 -7.78 22.59
N THR B 2 -2.12 -7.00 22.77
CA THR B 2 -1.97 -5.59 23.14
C THR B 2 -2.20 -5.34 24.62
N ILE B 3 -1.35 -4.52 25.20
CA ILE B 3 -1.53 -4.08 26.57
C ILE B 3 -1.64 -2.56 26.60
N LEU B 4 -2.54 -2.03 27.42
CA LEU B 4 -2.71 -0.58 27.56
C LEU B 4 -2.12 -0.09 28.88
N LEU B 5 -1.21 0.86 28.80
CA LEU B 5 -0.48 1.34 29.96
C LEU B 5 -0.91 2.73 30.41
N ASP B 6 -1.82 2.78 31.39
CA ASP B 6 -2.29 4.03 31.98
C ASP B 6 -1.15 4.96 32.39
N LEU B 7 -1.20 6.20 31.95
CA LEU B 7 -0.23 7.18 32.41
C LEU B 7 -0.83 8.01 33.54
N ALA B 8 -0.03 8.26 34.56
CA ALA B 8 -0.46 9.11 35.65
C ALA B 8 -0.35 10.54 35.20
N PRO B 9 -1.29 11.37 35.63
CA PRO B 9 -1.38 12.79 35.29
C PRO B 9 -0.15 13.58 35.71
N GLU B 10 0.58 13.07 36.70
CA GLU B 10 1.79 13.71 37.21
C GLU B 10 2.99 13.53 36.28
N ASP B 11 3.05 12.38 35.60
CA ASP B 11 4.07 12.14 34.58
C ASP B 11 4.13 13.30 33.58
N LYS B 12 5.35 13.75 33.28
CA LYS B 12 5.51 14.83 32.31
C LYS B 12 5.14 14.35 30.90
N GLU B 13 5.17 13.05 30.68
CA GLU B 13 4.74 12.48 29.41
C GLU B 13 3.26 12.77 29.23
N TYR B 14 2.50 12.44 30.26
CA TYR B 14 1.09 12.74 30.31
C TYR B 14 0.84 14.23 30.04
N GLN B 15 1.58 15.09 30.73
CA GLN B 15 1.39 16.53 30.59
C GLN B 15 1.76 17.06 29.21
N SER B 16 2.74 16.43 28.57
CA SER B 16 3.18 16.85 27.26
C SER B 16 2.07 16.54 26.25
N VAL B 17 1.55 15.33 26.30
CA VAL B 17 0.42 14.94 25.45
C VAL B 17 -0.82 15.83 25.64
N GLU B 18 -1.31 15.96 26.87
CA GLU B 18 -2.47 16.85 27.12
C GLU B 18 -2.26 18.27 26.60
N GLU B 19 -1.07 18.82 26.81
CA GLU B 19 -0.80 20.16 26.31
C GLU B 19 -0.89 20.20 24.78
N GLU B 20 -0.30 19.22 24.10
CA GLU B 20 -0.38 19.13 22.65
C GLU B 20 -1.84 19.11 22.19
N MET B 21 -2.65 18.36 22.91
CA MET B 21 -4.06 18.22 22.58
C MET B 21 -4.87 19.51 22.82
N GLN B 22 -4.59 20.21 23.93
CA GLN B 22 -5.29 21.45 24.28
C GLN B 22 -4.82 22.69 23.51
N SER B 23 -3.55 22.73 23.15
CA SER B 23 -3.01 23.91 22.49
C SER B 23 -3.25 23.89 20.98
N THR B 24 -3.72 22.76 20.44
CA THR B 24 -3.92 22.67 18.99
C THR B 24 -5.39 22.66 18.61
N ILE B 25 -6.24 23.18 19.48
CA ILE B 25 -7.64 23.34 19.16
C ILE B 25 -7.76 24.61 18.32
N ARG B 26 -8.57 24.56 17.27
CA ARG B 26 -8.72 25.72 16.39
C ARG B 26 -10.13 25.73 15.82
N GLU B 27 -10.49 26.82 15.16
CA GLU B 27 -11.82 26.92 14.58
C GLU B 27 -11.83 26.26 13.22
N HIS B 28 -12.92 25.58 12.91
CA HIS B 28 -13.01 24.87 11.63
C HIS B 28 -14.06 25.47 10.70
N ARG B 29 -14.09 24.97 9.46
CA ARG B 29 -14.98 25.46 8.43
C ARG B 29 -16.44 25.27 8.79
N ASP B 30 -16.80 24.06 9.22
CA ASP B 30 -18.21 23.70 9.42
C ASP B 30 -18.83 24.34 10.64
N GLY B 31 -18.14 25.34 11.19
CA GLY B 31 -18.62 26.07 12.35
C GLY B 31 -18.56 25.26 13.64
N GLY B 32 -18.42 23.94 13.53
CA GLY B 32 -18.42 23.07 14.68
C GLY B 32 -19.36 21.89 14.48
N ASN B 33 -19.86 21.74 13.26
CA ASN B 33 -20.88 20.73 13.00
C ASN B 33 -20.45 19.28 13.19
N ALA B 34 -19.24 18.96 12.77
CA ALA B 34 -18.80 17.57 12.76
C ALA B 34 -18.38 17.12 14.13
N GLY B 35 -17.67 18.00 14.84
CA GLY B 35 -17.04 17.63 16.08
C GLY B 35 -17.57 18.29 17.34
N GLY B 36 -18.31 19.37 17.18
CA GLY B 36 -18.93 20.05 18.30
C GLY B 36 -18.40 21.44 18.61
N ILE B 37 -19.14 22.17 19.43
CA ILE B 37 -18.73 23.51 19.84
C ILE B 37 -18.03 23.45 21.20
N PHE B 38 -16.77 23.86 21.24
CA PHE B 38 -15.95 23.80 22.45
C PHE B 38 -14.72 24.69 22.36
N ASN B 39 -14.08 24.89 23.52
CA ASN B 39 -12.87 25.71 23.65
C ASN B 39 -11.69 24.92 24.23
N ARG B 40 -12.01 23.88 25.00
CA ARG B 40 -11.02 23.00 25.58
C ARG B 40 -11.60 21.60 25.77
N TYR B 41 -10.74 20.63 26.07
CA TYR B 41 -11.22 19.29 26.38
C TYR B 41 -11.15 19.05 27.89
N ASN B 42 -11.95 18.11 28.37
CA ASN B 42 -11.65 17.45 29.65
C ASN B 42 -10.91 16.16 29.35
N VAL B 43 -9.58 16.18 29.43
CA VAL B 43 -8.81 14.96 29.18
C VAL B 43 -8.85 14.13 30.43
N ILE B 44 -9.30 12.89 30.33
CA ILE B 44 -9.59 12.10 31.52
C ILE B 44 -8.79 10.82 31.63
N ARG B 45 -8.04 10.49 30.58
CA ARG B 45 -7.26 9.28 30.60
C ARG B 45 -6.30 9.25 29.43
N ILE B 46 -5.05 8.89 29.70
CA ILE B 46 -4.08 8.68 28.63
C ILE B 46 -3.37 7.33 28.81
N GLN B 47 -3.61 6.44 27.87
CA GLN B 47 -3.05 5.11 27.89
C GLN B 47 -1.97 4.99 26.82
N LYS B 48 -0.88 4.30 27.17
CA LYS B 48 0.18 3.96 26.23
C LYS B 48 -0.07 2.59 25.61
N VAL B 49 -0.32 2.54 24.32
CA VAL B 49 -0.55 1.28 23.62
C VAL B 49 0.75 0.53 23.45
N VAL B 50 0.79 -0.71 23.96
CA VAL B 50 1.99 -1.51 23.91
C VAL B 50 1.66 -2.82 23.23
N ASN B 51 2.45 -3.17 22.23
CA ASN B 51 2.16 -4.33 21.40
C ASN B 51 3.38 -4.63 20.56
N LYS B 52 4.03 -5.75 20.85
CA LYS B 52 5.33 -6.08 20.29
C LYS B 52 5.25 -6.37 18.80
N LYS B 53 4.24 -7.15 18.40
CA LYS B 53 4.02 -7.45 16.99
C LYS B 53 3.85 -6.16 16.19
N LEU B 54 3.04 -5.22 16.68
CA LEU B 54 2.77 -3.98 15.96
C LEU B 54 3.95 -3.01 15.98
N ARG B 55 4.79 -3.11 17.01
CA ARG B 55 5.95 -2.25 17.09
C ARG B 55 7.02 -2.78 16.13
N GLU B 56 7.15 -4.10 16.07
CA GLU B 56 8.08 -4.72 15.14
C GLU B 56 7.81 -4.22 13.71
N ARG B 57 6.59 -4.40 13.24
CA ARG B 57 6.22 -3.94 11.89
C ARG B 57 6.49 -2.46 11.69
N PHE B 58 6.21 -1.63 12.69
CA PHE B 58 6.39 -0.20 12.53
C PHE B 58 7.86 0.19 12.41
N CYS B 59 8.72 -0.47 13.17
CA CYS B 59 10.14 -0.14 13.15
C CYS B 59 10.78 -0.65 11.86
N HIS B 60 10.37 -1.84 11.45
CA HIS B 60 10.82 -2.46 10.21
C HIS B 60 10.57 -1.54 9.01
N ARG B 61 9.36 -1.01 8.92
CA ARG B 61 8.99 -0.10 7.87
C ARG B 61 9.79 1.20 8.00
N GLN B 62 9.96 1.68 9.23
CA GLN B 62 10.63 2.95 9.43
C GLN B 62 12.07 2.89 8.96
N LYS B 63 12.69 1.73 9.12
CA LYS B 63 14.02 1.51 8.59
C LYS B 63 14.01 1.51 7.07
N GLU B 64 13.04 0.85 6.48
CA GLU B 64 12.88 0.86 5.03
C GLU B 64 12.67 2.28 4.48
N VAL B 65 11.85 3.08 5.16
CA VAL B 65 11.61 4.46 4.75
C VAL B 65 12.86 5.34 4.85
N SER B 66 13.65 5.19 5.90
CA SER B 66 14.81 6.05 6.09
C SER B 66 15.90 5.70 5.07
N GLU B 67 16.08 4.40 4.83
CA GLU B 67 16.95 3.94 3.76
C GLU B 67 16.63 4.63 2.45
N GLU B 68 15.36 4.96 2.25
CA GLU B 68 14.88 5.54 1.01
C GLU B 68 14.82 7.06 1.06
N ASN B 69 15.25 7.65 2.18
CA ASN B 69 15.09 9.08 2.37
C ASN B 69 16.33 9.71 3.00
N HIS B 70 17.50 9.26 2.55
CA HIS B 70 18.75 9.84 3.00
C HIS B 70 18.84 9.76 4.52
N ASN B 71 18.33 8.66 5.06
CA ASN B 71 18.39 8.37 6.48
C ASN B 71 17.55 9.29 7.35
N HIS B 72 16.37 9.69 6.88
CA HIS B 72 15.46 10.47 7.70
C HIS B 72 14.10 9.80 7.80
N HIS B 73 13.72 9.36 9.00
CA HIS B 73 12.37 8.88 9.25
C HIS B 73 11.36 9.98 8.94
N ASN B 74 11.74 11.21 9.29
CA ASN B 74 10.82 12.32 9.37
C ASN B 74 9.57 11.91 10.16
N GLU B 75 9.77 11.50 11.40
CA GLU B 75 8.65 11.11 12.23
C GLU B 75 7.98 12.34 12.83
N ARG B 76 6.66 12.30 12.95
CA ARG B 76 5.90 13.37 13.57
C ARG B 76 4.83 12.75 14.46
N MET B 77 4.43 13.48 15.49
CA MET B 77 3.35 13.05 16.34
C MET B 77 2.08 13.71 15.83
N LEU B 78 1.09 12.92 15.45
CA LEU B 78 -0.14 13.47 14.93
C LEU B 78 -1.37 12.72 15.45
N PHE B 79 -2.52 13.40 15.45
CA PHE B 79 -3.77 12.86 15.94
C PHE B 79 -4.53 12.07 14.87
N HIS B 80 -5.28 11.05 15.30
CA HIS B 80 -6.21 10.32 14.41
C HIS B 80 -7.49 9.96 15.17
N GLY B 81 -8.64 10.23 14.55
CA GLY B 81 -9.94 9.96 15.15
C GLY B 81 -10.70 8.91 14.36
N SER B 82 -11.30 7.96 15.05
CA SER B 82 -12.05 6.90 14.39
C SER B 82 -12.98 6.13 15.32
N PRO B 83 -14.10 5.61 14.78
CA PRO B 83 -15.00 4.78 15.59
C PRO B 83 -14.44 3.36 15.82
N PHE B 84 -13.35 3.00 15.15
CA PHE B 84 -12.83 1.65 15.32
C PHE B 84 -11.46 1.64 15.98
N ILE B 85 -11.28 2.54 16.94
CA ILE B 85 -10.06 2.61 17.71
C ILE B 85 -9.67 1.26 18.30
N ASN B 86 -10.67 0.47 18.68
CA ASN B 86 -10.42 -0.84 19.29
C ASN B 86 -9.72 -1.83 18.36
N ALA B 87 -10.18 -1.88 17.11
CA ALA B 87 -9.52 -2.70 16.10
C ALA B 87 -8.13 -2.15 15.81
N ILE B 88 -7.97 -0.83 15.89
CA ILE B 88 -6.68 -0.24 15.59
C ILE B 88 -5.63 -0.60 16.65
N ILE B 89 -6.00 -0.54 17.92
CA ILE B 89 -5.00 -0.81 18.96
C ILE B 89 -4.69 -2.30 19.08
N HIS B 90 -5.51 -3.12 18.44
CA HIS B 90 -5.29 -4.57 18.47
C HIS B 90 -4.65 -5.12 17.20
N LYS B 91 -5.00 -4.57 16.04
CA LYS B 91 -4.49 -5.06 14.76
C LYS B 91 -3.61 -4.06 14.02
N GLY B 92 -3.53 -2.84 14.54
CA GLY B 92 -2.79 -1.77 13.91
C GLY B 92 -3.62 -1.05 12.86
N PHE B 93 -3.07 0.02 12.30
CA PHE B 93 -3.69 0.68 11.17
C PHE B 93 -3.73 -0.27 9.95
N ASP B 94 -4.87 -0.32 9.28
CA ASP B 94 -5.02 -1.16 8.09
C ASP B 94 -5.43 -0.34 6.88
N GLU B 95 -4.56 -0.31 5.87
CA GLU B 95 -4.83 0.46 4.67
C GLU B 95 -6.00 -0.10 3.87
N ARG B 96 -6.36 -1.37 4.10
CA ARG B 96 -7.55 -1.94 3.49
C ARG B 96 -8.81 -1.35 4.12
N HIS B 97 -8.62 -0.58 5.19
CA HIS B 97 -9.73 0.15 5.76
C HIS B 97 -9.47 1.65 5.63
N ALA B 98 -8.71 2.03 4.59
CA ALA B 98 -8.42 3.43 4.35
C ALA B 98 -9.71 4.25 4.19
N TYR B 99 -9.56 5.57 4.24
CA TYR B 99 -10.67 6.50 4.10
C TYR B 99 -10.96 6.68 2.62
N ILE B 100 -12.03 6.02 2.17
CA ILE B 100 -12.38 6.01 0.76
C ILE B 100 -12.63 7.39 0.17
N GLY B 101 -13.58 8.14 0.72
CA GLY B 101 -13.90 9.44 0.19
C GLY B 101 -12.99 10.59 0.59
N GLY B 102 -11.80 10.27 1.11
CA GLY B 102 -10.87 11.28 1.55
C GLY B 102 -10.52 12.26 0.44
N MET B 103 -10.15 13.47 0.83
CA MET B 103 -9.79 14.51 -0.11
C MET B 103 -8.52 14.19 -0.89
N PHE B 104 -7.62 13.42 -0.28
CA PHE B 104 -6.32 13.20 -0.90
C PHE B 104 -6.07 11.72 -1.20
N GLY B 105 -7.15 10.99 -1.41
CA GLY B 105 -7.07 9.60 -1.78
C GLY B 105 -7.34 8.58 -0.68
N ALA B 106 -7.32 7.31 -1.08
CA ALA B 106 -7.64 6.18 -0.22
C ALA B 106 -6.47 5.84 0.71
N GLY B 107 -6.23 6.70 1.68
CA GLY B 107 -5.16 6.48 2.62
C GLY B 107 -5.64 6.61 4.05
N ILE B 108 -4.70 6.77 4.97
CA ILE B 108 -5.01 6.90 6.37
C ILE B 108 -4.59 8.30 6.76
N TYR B 109 -5.54 9.04 7.35
CA TYR B 109 -5.40 10.48 7.57
C TYR B 109 -5.10 10.90 9.02
N PHE B 110 -4.19 11.87 9.16
CA PHE B 110 -3.77 12.42 10.47
C PHE B 110 -3.74 13.95 10.44
N ALA B 111 -3.81 14.57 11.61
CA ALA B 111 -3.76 16.02 11.73
C ALA B 111 -2.85 16.50 12.85
N GLU B 112 -2.30 17.70 12.68
CA GLU B 112 -1.62 18.43 13.74
C GLU B 112 -2.61 18.92 14.80
N ASN B 113 -3.81 19.29 14.38
CA ASN B 113 -4.79 19.86 15.30
C ASN B 113 -5.74 18.84 15.89
N SER B 114 -5.68 18.65 17.20
CA SER B 114 -6.59 17.71 17.85
C SER B 114 -8.04 17.96 17.46
N SER B 115 -8.43 19.23 17.34
CA SER B 115 -9.82 19.52 16.99
C SER B 115 -10.20 18.93 15.61
N LYS B 116 -9.21 18.72 14.75
CA LYS B 116 -9.51 18.17 13.44
C LYS B 116 -9.89 16.71 13.55
N SER B 117 -9.12 15.92 14.30
CA SER B 117 -9.39 14.49 14.42
C SER B 117 -10.65 14.24 15.25
N ASN B 118 -10.95 15.16 16.16
CA ASN B 118 -12.16 15.09 16.97
C ASN B 118 -13.41 14.98 16.09
N GLN B 119 -13.38 15.62 14.93
CA GLN B 119 -14.47 15.52 13.96
C GLN B 119 -14.73 14.09 13.44
N TYR B 120 -13.77 13.17 13.53
CA TYR B 120 -13.98 11.82 12.99
C TYR B 120 -14.24 10.72 14.03
N VAL B 121 -14.25 11.10 15.30
CA VAL B 121 -14.36 10.15 16.38
C VAL B 121 -15.57 9.22 16.28
N TYR B 122 -16.70 9.74 15.81
CA TYR B 122 -17.93 8.95 15.68
C TYR B 122 -18.22 8.51 14.24
N GLY B 123 -17.35 8.88 13.32
CA GLY B 123 -17.51 8.49 11.93
C GLY B 123 -17.25 9.68 11.06
N ILE B 124 -17.52 9.54 9.76
CA ILE B 124 -17.26 10.61 8.81
C ILE B 124 -18.20 11.80 9.06
N GLY B 125 -17.63 13.00 9.11
CA GLY B 125 -18.38 14.19 9.43
C GLY B 125 -19.16 14.02 10.72
N GLY B 126 -18.51 13.45 11.73
CA GLY B 126 -19.15 13.18 13.00
C GLY B 126 -20.24 12.12 12.96
N GLY B 127 -20.42 11.47 11.81
CA GLY B 127 -21.42 10.43 11.67
C GLY B 127 -22.76 10.91 12.23
N THR B 128 -23.57 9.99 12.74
CA THR B 128 -24.80 10.37 13.43
C THR B 128 -24.51 10.86 14.86
N GLY B 129 -23.23 10.86 15.22
CA GLY B 129 -22.81 11.33 16.54
C GLY B 129 -22.63 10.19 17.53
N CYS B 130 -22.82 10.47 18.81
CA CYS B 130 -22.60 9.46 19.85
C CYS B 130 -23.64 8.35 19.77
N PRO B 131 -23.27 7.12 20.15
CA PRO B 131 -24.21 5.99 20.11
C PRO B 131 -25.46 6.21 20.96
N THR B 132 -25.35 6.85 22.13
CA THR B 132 -26.50 7.01 23.02
C THR B 132 -27.44 8.17 22.71
N HIS B 133 -26.87 9.32 22.35
CA HIS B 133 -27.67 10.53 22.18
C HIS B 133 -27.82 11.02 20.74
N LYS B 134 -27.18 10.34 19.79
CA LYS B 134 -27.10 10.82 18.41
C LYS B 134 -26.78 12.32 18.38
N ASP B 135 -25.79 12.72 19.17
CA ASP B 135 -25.39 14.12 19.28
C ASP B 135 -23.92 14.28 18.91
N ARG B 136 -23.67 14.99 17.83
CA ARG B 136 -22.32 15.26 17.42
C ARG B 136 -21.60 16.21 18.38
N SER B 137 -22.37 17.00 19.13
CA SER B 137 -21.78 17.94 20.10
C SER B 137 -21.93 17.46 21.55
N CYS B 138 -22.06 16.16 21.74
CA CYS B 138 -22.31 15.58 23.08
C CYS B 138 -21.20 15.88 24.09
N TYR B 139 -21.54 16.62 25.14
CA TYR B 139 -20.61 16.90 26.22
C TYR B 139 -20.60 15.81 27.28
N ILE B 140 -21.46 14.80 27.13
CA ILE B 140 -21.63 13.73 28.12
C ILE B 140 -20.78 12.51 27.81
N CYS B 141 -20.89 11.99 26.59
CA CYS B 141 -20.21 10.74 26.23
C CYS B 141 -18.69 10.88 26.11
N HIS B 142 -17.99 9.77 26.35
CA HIS B 142 -16.55 9.74 26.36
C HIS B 142 -16.02 9.47 24.96
N ARG B 143 -15.16 10.35 24.48
CA ARG B 143 -14.55 10.21 23.18
C ARG B 143 -13.16 9.63 23.35
N GLN B 144 -12.72 8.91 22.34
CA GLN B 144 -11.36 8.45 22.28
C GLN B 144 -10.71 8.89 20.97
N MET B 145 -9.44 9.27 21.04
CA MET B 145 -8.64 9.51 19.85
C MET B 145 -7.21 9.08 20.11
N LEU B 146 -6.43 8.95 19.04
CA LEU B 146 -5.07 8.47 19.15
C LEU B 146 -4.09 9.59 18.85
N PHE B 147 -3.02 9.64 19.63
CA PHE B 147 -1.94 10.55 19.33
C PHE B 147 -0.80 9.62 18.87
N CYS B 148 -0.51 9.61 17.56
CA CYS B 148 0.32 8.55 16.96
C CYS B 148 1.71 8.96 16.50
N ARG B 149 2.62 7.98 16.40
CA ARG B 149 3.91 8.18 15.76
C ARG B 149 3.68 7.96 14.27
N VAL B 150 3.98 8.97 13.47
CA VAL B 150 3.71 8.86 12.05
C VAL B 150 5.01 9.03 11.26
N THR B 151 5.38 7.98 10.53
CA THR B 151 6.52 8.02 9.66
C THR B 151 6.08 8.69 8.34
N LEU B 152 6.53 9.91 8.10
CA LEU B 152 6.22 10.60 6.83
C LEU B 152 7.28 10.38 5.73
N GLY B 153 8.51 10.11 6.11
CA GLY B 153 9.61 10.09 5.16
C GLY B 153 9.60 11.36 4.32
N LYS B 154 9.62 11.20 3.00
CA LYS B 154 9.62 12.37 2.13
C LYS B 154 8.20 12.73 1.77
N SER B 155 7.76 13.92 2.18
CA SER B 155 6.38 14.30 1.98
C SER B 155 6.13 14.98 0.63
N PHE B 156 5.02 14.60 0.00
CA PHE B 156 4.62 15.24 -1.24
C PHE B 156 3.56 16.28 -0.94
N LEU B 157 3.79 17.52 -1.38
CA LEU B 157 2.86 18.61 -1.06
C LEU B 157 1.80 18.80 -2.15
N GLN B 158 0.55 18.58 -1.74
CA GLN B 158 -0.61 18.56 -2.62
C GLN B 158 -1.52 19.74 -2.28
N PHE B 159 -2.06 20.42 -3.30
CA PHE B 159 -2.80 21.66 -3.07
C PHE B 159 -4.22 21.68 -3.63
N SER B 160 -4.73 20.50 -3.95
CA SER B 160 -6.10 20.36 -4.39
C SER B 160 -6.57 18.96 -4.09
N THR B 161 -7.87 18.72 -4.12
CA THR B 161 -8.37 17.38 -3.94
C THR B 161 -7.92 16.46 -5.09
N ILE B 162 -7.78 15.16 -4.82
CA ILE B 162 -7.16 14.24 -5.75
C ILE B 162 -7.39 12.79 -5.35
N LYS B 163 -7.35 11.89 -6.32
CA LYS B 163 -7.47 10.46 -6.09
C LYS B 163 -6.12 9.77 -6.07
N MET B 164 -5.85 9.04 -5.01
CA MET B 164 -4.57 8.36 -4.83
C MET B 164 -4.73 7.08 -4.03
N ALA B 165 -3.89 6.10 -4.36
CA ALA B 165 -3.91 4.82 -3.67
C ALA B 165 -2.58 4.62 -2.94
N HIS B 166 -1.58 5.41 -3.33
CA HIS B 166 -0.25 5.35 -2.75
C HIS B 166 0.38 6.70 -2.94
N ALA B 167 1.48 6.94 -2.23
CA ALA B 167 2.24 8.18 -2.38
C ALA B 167 2.85 8.23 -3.77
N PRO B 168 3.17 9.44 -4.25
CA PRO B 168 3.83 9.61 -5.55
C PRO B 168 5.24 9.09 -5.50
N PRO B 169 5.74 8.60 -6.63
CA PRO B 169 7.07 8.00 -6.68
C PRO B 169 8.07 8.82 -5.88
N GLY B 170 8.89 8.16 -5.06
CA GLY B 170 9.89 8.86 -4.29
C GLY B 170 9.39 9.54 -3.02
N HIS B 171 8.09 9.43 -2.75
CA HIS B 171 7.53 10.01 -1.53
C HIS B 171 6.88 8.94 -0.65
N HIS B 172 6.69 9.25 0.62
CA HIS B 172 6.16 8.25 1.53
C HIS B 172 4.88 8.69 2.17
N SER B 173 4.50 9.92 1.89
CA SER B 173 3.32 10.50 2.48
C SER B 173 2.92 11.71 1.67
N VAL B 174 1.68 12.14 1.86
CA VAL B 174 1.17 13.34 1.24
C VAL B 174 0.74 14.34 2.32
N ILE B 175 1.18 15.58 2.20
CA ILE B 175 0.65 16.69 2.97
C ILE B 175 -0.27 17.55 2.10
N GLY B 176 -1.57 17.44 2.35
CA GLY B 176 -2.58 18.02 1.47
C GLY B 176 -3.34 19.21 1.98
N ARG B 177 -3.47 20.21 1.11
CA ARG B 177 -4.30 21.38 1.35
C ARG B 177 -5.35 21.40 0.25
N PRO B 178 -6.56 21.89 0.58
CA PRO B 178 -7.76 21.89 -0.27
C PRO B 178 -7.68 22.89 -1.42
N SER B 179 -6.83 23.90 -1.26
CA SER B 179 -6.75 24.97 -2.25
C SER B 179 -5.32 25.44 -2.27
N VAL B 180 -5.00 26.29 -3.24
CA VAL B 180 -3.60 26.64 -3.52
C VAL B 180 -3.17 27.81 -2.70
N ASN B 181 -2.91 27.56 -1.42
CA ASN B 181 -2.61 28.62 -0.48
C ASN B 181 -2.15 28.01 0.84
N ALA B 184 -3.34 27.79 4.58
CA ALA B 184 -4.38 26.75 4.61
C ALA B 184 -3.92 25.57 5.46
N TYR B 185 -4.83 24.97 6.22
CA TYR B 185 -4.49 23.86 7.11
C TYR B 185 -4.34 22.54 6.36
N ALA B 186 -3.31 21.78 6.71
CA ALA B 186 -2.98 20.54 6.02
C ALA B 186 -3.42 19.29 6.75
N GLU B 187 -3.83 18.29 5.98
CA GLU B 187 -3.98 16.94 6.46
C GLU B 187 -2.74 16.15 6.04
N TYR B 188 -2.31 15.22 6.89
CA TYR B 188 -1.20 14.32 6.60
C TYR B 188 -1.75 12.94 6.30
N VAL B 189 -1.22 12.31 5.25
CA VAL B 189 -1.78 11.09 4.69
C VAL B 189 -0.71 10.05 4.40
N ILE B 190 -0.99 8.80 4.77
CA ILE B 190 -0.10 7.69 4.45
C ILE B 190 -0.94 6.60 3.80
N TYR B 191 -0.31 5.68 3.09
CA TYR B 191 -1.07 4.65 2.40
C TYR B 191 -0.61 3.25 2.80
N ARG B 192 0.17 3.19 3.88
CA ARG B 192 0.59 1.94 4.53
C ARG B 192 0.35 2.04 6.03
N GLY B 193 -0.45 1.13 6.57
CA GLY B 193 -0.72 1.13 7.99
C GLY B 193 0.56 1.11 8.82
N GLU B 194 1.53 0.32 8.37
CA GLU B 194 2.79 0.17 9.10
C GLU B 194 3.57 1.47 9.33
N GLN B 195 3.13 2.56 8.70
CA GLN B 195 3.78 3.87 8.90
C GLN B 195 3.21 4.69 10.05
N ALA B 196 2.17 4.16 10.69
CA ALA B 196 1.67 4.79 11.92
C ALA B 196 1.65 3.75 13.05
N TYR B 197 2.12 4.16 14.22
CA TYR B 197 1.96 3.34 15.38
C TYR B 197 1.10 4.14 16.35
N PRO B 198 0.02 3.53 16.87
CA PRO B 198 -0.94 4.19 17.75
C PRO B 198 -0.37 4.29 19.15
N GLU B 199 0.47 5.29 19.38
CA GLU B 199 1.20 5.42 20.64
C GLU B 199 0.32 5.72 21.87
N TYR B 200 -0.48 6.78 21.80
CA TYR B 200 -1.32 7.17 22.93
C TYR B 200 -2.83 7.07 22.67
N LEU B 201 -3.52 6.39 23.56
CA LEU B 201 -4.98 6.33 23.51
C LEU B 201 -5.54 7.37 24.50
N ILE B 202 -6.20 8.39 23.96
CA ILE B 202 -6.73 9.47 24.78
C ILE B 202 -8.22 9.35 24.95
N THR B 203 -8.67 9.39 26.20
CA THR B 203 -10.10 9.41 26.50
C THR B 203 -10.39 10.81 27.01
N TYR B 204 -11.41 11.45 26.44
CA TYR B 204 -11.65 12.84 26.78
C TYR B 204 -13.10 13.19 26.50
N GLN B 205 -13.53 14.33 27.02
CA GLN B 205 -14.78 14.95 26.58
C GLN B 205 -14.44 16.34 26.08
N ILE B 206 -15.23 16.83 25.13
CA ILE B 206 -15.15 18.23 24.78
C ILE B 206 -15.90 18.98 25.88
N MET B 207 -15.48 20.19 26.19
CA MET B 207 -16.17 20.99 27.20
C MET B 207 -17.00 22.14 26.64
N LYS B 208 -18.21 22.32 27.15
CA LYS B 208 -19.02 23.45 26.69
C LYS B 208 -18.27 24.78 26.91
N PRO B 209 -18.49 25.74 26.02
CA PRO B 209 -17.87 27.08 26.11
C PRO B 209 -18.31 27.77 27.39
N GLU B 210 -17.41 28.52 28.04
CA GLU B 210 -17.79 29.18 29.29
C GLU B 210 -17.10 30.53 29.53
ZN ZN C . 13.68 -4.74 -32.84
S SO4 D . -7.09 -11.46 -23.65
O1 SO4 D . -7.55 -12.35 -24.72
O2 SO4 D . -6.31 -10.33 -24.16
O3 SO4 D . -6.27 -12.21 -22.72
O4 SO4 D . -8.27 -10.91 -22.98
S SO4 E . -3.12 -27.99 6.12
O1 SO4 E . -1.75 -27.75 5.68
O2 SO4 E . -3.99 -27.98 4.95
O3 SO4 E . -3.57 -26.95 7.06
O4 SO4 E . -3.20 -29.30 6.79
S SO4 F . 5.81 -22.75 -35.49
O1 SO4 F . 6.31 -23.11 -36.82
O2 SO4 F . 4.40 -22.38 -35.61
O3 SO4 F . 5.96 -23.89 -34.59
O4 SO4 F . 6.60 -21.63 -34.94
S SO4 G . 21.28 -9.06 -23.83
O1 SO4 G . 22.11 -8.27 -24.76
O2 SO4 G . 19.92 -8.50 -23.79
O3 SO4 G . 21.21 -10.45 -24.29
O4 SO4 G . 21.88 -9.01 -22.50
C2 1SX H . -1.35 -7.61 -17.37
C12 1SX H . 2.12 -6.94 -16.79
C15 1SX H . 2.07 -4.58 -16.22
C17 1SX H . 2.72 -3.22 -16.34
C18 1SX H . 4.10 -3.13 -16.49
C20 1SX H . 4.75 -1.89 -16.60
C22 1SX H . 4.04 -0.69 -16.56
C23 1SX H . 2.64 -0.79 -16.43
C25 1SX H . 2.00 -2.03 -16.31
C27 1SX H . 4.74 0.70 -16.70
C28 1SX H . 5.03 0.92 -18.21
S1 1SX H . -0.75 -9.19 -16.63
C5 1SX H . -0.38 -6.51 -16.82
N8 1SX H . 0.86 -7.27 -16.77
C9 1SX H . 0.84 -8.55 -16.69
N10 1SX H . 1.99 -9.09 -16.68
N11 1SX H . 2.88 -7.97 -16.75
N13 1SX H . 2.61 -5.67 -16.85
O16 1SX H . 1.07 -4.61 -15.50
C32 1SX H . 6.10 0.81 -15.94
C36 1SX H . 3.83 1.84 -16.16
ZN ZN I . -23.80 11.15 24.14
S SO4 J . -11.43 22.72 8.26
O1 SO4 J . -11.82 23.98 8.86
O2 SO4 J . -12.13 22.56 6.99
O3 SO4 J . -11.77 21.57 9.08
O4 SO4 J . -9.99 22.79 8.10
C2 1SX K . -8.89 14.05 8.49
C12 1SX K . -9.17 11.26 10.83
C15 1SX K . -10.04 9.50 9.48
C17 1SX K . -11.02 8.36 9.25
C18 1SX K . -11.25 7.42 10.26
C20 1SX K . -12.15 6.37 10.08
C22 1SX K . -12.85 6.20 8.88
C23 1SX K . -12.62 7.16 7.88
C25 1SX K . -11.72 8.21 8.04
C27 1SX K . -13.85 5.04 8.66
C28 1SX K . -15.19 5.67 8.19
S1 1SX K . -7.56 14.38 9.73
C5 1SX K . -9.43 12.60 8.69
N8 1SX K . -8.93 12.24 10.01
C9 1SX K . -8.08 12.98 10.61
N10 1SX K . -7.75 12.56 11.76
N11 1SX K . -8.50 11.36 11.90
N13 1SX K . -10.04 10.24 10.60
O16 1SX K . -9.24 9.68 8.58
C32 1SX K . -14.12 4.22 9.95
C36 1SX K . -13.34 4.03 7.58
#